data_7DCF
#
_entry.id   7DCF
#
_cell.length_a   55.852
_cell.length_b   72.730
_cell.length_c   63.629
_cell.angle_alpha   90.000
_cell.angle_beta   92.660
_cell.angle_gamma   90.000
#
_symmetry.space_group_name_H-M   'P 1 21 1'
#
loop_
_entity.id
_entity.type
_entity.pdbx_description
1 polymer 'Histone-lysine N-methyltransferase EHMT2'
2 non-polymer 'ZINC ION'
3 non-polymer S-ADENOSYLMETHIONINE
4 non-polymer "5'-methoxy-6'-(1-methyl-2,3,4,7-tetrahydroazepin-5-yl)spiro[cyclobutane-1,3'-indole]-2'-amine"
5 water water
#
_entity_poly.entity_id   1
_entity_poly.type   'polypeptide(L)'
_entity_poly.pdbx_seq_one_letter_code
;GSNRAIRTEKIICRDVARGYENVPIPCVNGVDGEPCPEDYKYISENCETSTMNIDRNITHLQHCTCVDDCSSSNCLCGQL
SIRCWYDKDGRLLQEFNKIEPPLIFECNQACSCWRNCKNRVVQSGIKVRLQLYRTAKMGWGVRALQTIPQGTFICEYVGE
LISDAEADVREDDSYLFDLDNKDGEVYCIDARYYGNISRFINHLCDPNIIPVRVFMLHQDLRFPRIAFFSSRDIRTGEEL
GFDYGDRFWDIKSKYFTCQCGSEKCKHSAEAIALEQSRLARLD
;
_entity_poly.pdbx_strand_id   A,B
#
# COMPACT_ATOMS: atom_id res chain seq x y z
N THR A 8 -23.75 -22.38 -20.00
CA THR A 8 -22.98 -22.37 -21.28
C THR A 8 -21.82 -21.37 -21.17
N GLU A 9 -20.81 -21.73 -20.37
CA GLU A 9 -19.89 -20.77 -19.76
C GLU A 9 -18.63 -20.57 -20.60
N LYS A 10 -18.47 -19.35 -21.12
CA LYS A 10 -17.21 -18.88 -21.67
C LYS A 10 -16.79 -17.60 -20.95
N ILE A 11 -15.48 -17.34 -20.90
CA ILE A 11 -14.95 -16.22 -20.15
C ILE A 11 -15.42 -14.93 -20.84
N ILE A 12 -16.16 -14.09 -20.12
CA ILE A 12 -16.57 -12.83 -20.69
C ILE A 12 -15.64 -11.72 -20.24
N CYS A 13 -14.79 -12.00 -19.25
CA CYS A 13 -13.71 -11.10 -18.83
C CYS A 13 -12.63 -11.94 -18.16
N ARG A 14 -11.37 -11.77 -18.58
CA ARG A 14 -10.35 -12.68 -18.09
C ARG A 14 -9.91 -12.27 -16.67
N ASP A 15 -10.05 -10.99 -16.31
CA ASP A 15 -9.72 -10.55 -14.96
C ASP A 15 -10.45 -9.28 -14.57
N VAL A 16 -11.50 -9.44 -13.76
CA VAL A 16 -12.22 -8.25 -13.32
C VAL A 16 -11.33 -7.32 -12.51
N ALA A 17 -10.21 -7.82 -11.97
CA ALA A 17 -9.40 -7.02 -11.07
C ALA A 17 -8.31 -6.26 -11.83
N ARG A 18 -8.22 -6.46 -13.16
CA ARG A 18 -7.28 -5.71 -13.99
C ARG A 18 -5.86 -5.91 -13.46
N GLY A 19 -5.52 -7.13 -13.05
CA GLY A 19 -4.18 -7.45 -12.57
C GLY A 19 -3.83 -6.90 -11.20
N TYR A 20 -4.80 -6.27 -10.52
CA TYR A 20 -4.54 -5.68 -9.22
C TYR A 20 -4.35 -6.73 -8.11
N GLU A 21 -4.86 -7.95 -8.32
CA GLU A 21 -4.70 -9.00 -7.31
C GLU A 21 -3.54 -9.89 -7.71
N ASN A 22 -3.15 -10.81 -6.81
CA ASN A 22 -2.05 -11.72 -7.08
C ASN A 22 -2.42 -12.75 -8.14
N VAL A 23 -3.71 -13.06 -8.25
CA VAL A 23 -4.20 -14.01 -9.25
C VAL A 23 -5.32 -13.30 -10.01
N PRO A 24 -5.62 -13.69 -11.26
CA PRO A 24 -6.75 -13.10 -11.98
C PRO A 24 -8.07 -13.60 -11.40
N ILE A 25 -9.12 -12.78 -11.56
CA ILE A 25 -10.47 -13.19 -11.19
C ILE A 25 -11.36 -13.06 -12.41
N PRO A 26 -11.50 -14.13 -13.19
CA PRO A 26 -12.32 -14.12 -14.40
C PRO A 26 -13.83 -14.01 -14.12
N CYS A 27 -14.61 -13.60 -15.13
CA CYS A 27 -16.05 -13.52 -15.02
C CYS A 27 -16.70 -14.38 -16.10
N VAL A 28 -17.60 -15.29 -15.71
CA VAL A 28 -18.33 -16.14 -16.65
C VAL A 28 -19.83 -15.94 -16.45
N ASN A 29 -20.62 -16.20 -17.50
CA ASN A 29 -22.07 -16.16 -17.38
C ASN A 29 -22.69 -17.22 -18.27
N GLY A 30 -23.19 -18.30 -17.66
CA GLY A 30 -23.80 -19.36 -18.44
C GLY A 30 -25.30 -19.44 -18.17
N VAL A 31 -25.87 -18.33 -17.67
CA VAL A 31 -27.24 -18.36 -17.20
C VAL A 31 -28.11 -17.41 -18.03
N ASP A 32 -27.59 -16.21 -18.33
CA ASP A 32 -28.43 -15.19 -18.96
C ASP A 32 -27.60 -14.24 -19.82
N GLY A 33 -28.21 -13.10 -20.17
CA GLY A 33 -27.60 -12.19 -21.11
C GLY A 33 -26.98 -10.96 -20.46
N GLU A 34 -26.87 -10.97 -19.12
CA GLU A 34 -26.23 -9.86 -18.44
C GLU A 34 -24.76 -9.79 -18.81
N PRO A 35 -24.24 -8.58 -19.14
CA PRO A 35 -22.82 -8.36 -19.32
C PRO A 35 -22.10 -8.26 -17.98
N CYS A 36 -20.80 -8.58 -18.02
CA CYS A 36 -19.86 -8.41 -16.92
C CYS A 36 -20.12 -7.05 -16.26
N PRO A 37 -20.33 -7.02 -14.94
CA PRO A 37 -20.84 -5.81 -14.29
C PRO A 37 -19.84 -4.67 -14.53
N GLU A 38 -20.34 -3.48 -14.85
CA GLU A 38 -19.45 -2.34 -15.05
C GLU A 38 -19.97 -1.13 -14.29
N ASP A 39 -20.92 -1.31 -13.39
CA ASP A 39 -21.44 -0.11 -12.76
C ASP A 39 -20.77 0.11 -11.41
N TYR A 40 -19.46 -0.11 -11.35
CA TYR A 40 -18.66 0.11 -10.14
C TYR A 40 -17.20 0.19 -10.58
N LYS A 41 -16.32 0.64 -9.68
CA LYS A 41 -14.91 0.64 -9.99
C LYS A 41 -14.21 -0.39 -9.12
N TYR A 42 -13.56 -1.37 -9.74
CA TYR A 42 -12.80 -2.39 -9.00
C TYR A 42 -11.56 -1.76 -8.35
N ILE A 43 -11.43 -1.88 -7.02
CA ILE A 43 -10.26 -1.38 -6.31
C ILE A 43 -9.79 -2.49 -5.39
N SER A 44 -8.49 -2.54 -5.09
CA SER A 44 -7.99 -3.65 -4.30
C SER A 44 -7.69 -3.27 -2.84
N GLU A 45 -7.69 -1.97 -2.51
CA GLU A 45 -7.53 -1.48 -1.17
C GLU A 45 -8.66 -0.47 -0.89
N ASN A 46 -9.04 -0.32 0.38
CA ASN A 46 -10.12 0.57 0.77
C ASN A 46 -9.86 2.00 0.33
N CYS A 47 -10.92 2.72 -0.03
CA CYS A 47 -10.78 4.12 -0.37
C CYS A 47 -11.67 4.91 0.59
N GLU A 48 -11.68 6.24 0.43
CA GLU A 48 -12.68 7.10 1.06
C GLU A 48 -13.05 8.20 0.08
N THR A 49 -14.22 8.81 0.29
CA THR A 49 -14.51 10.05 -0.41
C THR A 49 -14.40 11.16 0.63
N SER A 50 -15.36 11.24 1.55
CA SER A 50 -15.12 12.19 2.62
C SER A 50 -14.08 11.61 3.58
N THR A 51 -13.44 12.54 4.31
CA THR A 51 -12.26 12.25 5.10
C THR A 51 -12.61 11.37 6.29
N MET A 52 -11.94 10.20 6.34
CA MET A 52 -11.88 9.41 7.53
C MET A 52 -10.59 9.77 8.24
N ASN A 53 -10.69 10.03 9.54
CA ASN A 53 -9.52 10.47 10.28
C ASN A 53 -8.78 9.26 10.85
N ILE A 54 -8.32 8.36 9.98
CA ILE A 54 -7.72 7.16 10.54
C ILE A 54 -6.46 7.58 11.30
N ASP A 55 -6.26 7.00 12.50
CA ASP A 55 -5.03 7.25 13.24
C ASP A 55 -3.97 6.25 12.77
N ARG A 56 -3.03 6.74 11.95
CA ARG A 56 -2.04 5.93 11.28
C ARG A 56 -0.67 6.11 11.93
N ASN A 57 -0.63 6.74 13.12
CA ASN A 57 0.62 7.08 13.80
C ASN A 57 1.40 5.82 14.19
N ILE A 58 2.61 5.66 13.65
CA ILE A 58 3.40 4.43 13.77
C ILE A 58 3.95 4.29 15.19
N THR A 59 4.12 5.39 15.92
CA THR A 59 4.86 5.38 17.17
C THR A 59 4.06 4.70 18.27
N HIS A 60 2.75 4.54 18.08
CA HIS A 60 1.90 4.01 19.12
C HIS A 60 1.47 2.58 18.81
N LEU A 61 2.00 1.96 17.75
CA LEU A 61 1.56 0.65 17.35
C LEU A 61 2.11 -0.39 18.32
N GLN A 62 1.29 -1.36 18.70
CA GLN A 62 1.86 -2.55 19.31
C GLN A 62 2.58 -3.33 18.22
N HIS A 63 3.73 -3.92 18.58
CA HIS A 63 4.54 -4.55 17.55
C HIS A 63 5.41 -5.60 18.21
N CYS A 64 5.89 -6.58 17.44
CA CYS A 64 6.76 -7.59 18.05
C CYS A 64 8.24 -7.23 17.85
N THR A 65 9.13 -8.01 18.49
CA THR A 65 10.56 -7.75 18.50
C THR A 65 11.26 -8.95 17.85
N CYS A 66 10.45 -9.87 17.32
CA CYS A 66 10.99 -11.03 16.63
C CYS A 66 11.97 -10.54 15.57
N VAL A 67 13.03 -11.30 15.31
CA VAL A 67 13.87 -10.90 14.20
C VAL A 67 13.86 -12.02 13.16
N ASP A 68 13.02 -13.04 13.42
CA ASP A 68 12.83 -14.19 12.54
C ASP A 68 11.58 -13.97 11.68
N ASP A 69 10.78 -15.04 11.50
CA ASP A 69 9.62 -14.96 10.63
C ASP A 69 8.35 -15.13 11.47
N CYS A 70 8.46 -14.86 12.79
CA CYS A 70 7.33 -14.77 13.69
C CYS A 70 6.56 -16.08 13.77
N SER A 71 7.29 -17.21 13.64
CA SER A 71 6.68 -18.53 13.79
C SER A 71 6.70 -18.98 15.25
N SER A 72 7.34 -18.21 16.14
CA SER A 72 7.46 -18.68 17.51
C SER A 72 6.29 -18.19 18.38
N SER A 73 6.26 -18.72 19.60
CA SER A 73 5.21 -18.48 20.57
C SER A 73 5.32 -17.08 21.17
N ASN A 74 6.47 -16.43 20.96
CA ASN A 74 6.79 -15.21 21.68
C ASN A 74 6.48 -13.98 20.84
N CYS A 75 5.94 -14.19 19.63
CA CYS A 75 5.57 -13.06 18.81
C CYS A 75 4.45 -12.31 19.52
N LEU A 76 4.71 -11.04 19.88
CA LEU A 76 3.73 -10.27 20.63
C LEU A 76 2.53 -10.01 19.72
N CYS A 77 2.80 -9.65 18.47
CA CYS A 77 1.69 -9.72 17.53
C CYS A 77 1.12 -11.16 17.57
N CYS A 84 -1.09 -13.78 16.59
CA CYS A 84 -1.32 -14.90 17.53
C CYS A 84 -2.13 -16.01 16.86
N TRP A 85 -2.74 -15.75 15.69
CA TRP A 85 -3.83 -16.63 15.26
C TRP A 85 -3.53 -17.52 14.04
N TYR A 86 -2.36 -17.40 13.41
CA TYR A 86 -2.13 -18.16 12.18
C TYR A 86 -1.20 -19.34 12.45
N ASP A 87 -1.38 -20.41 11.67
CA ASP A 87 -0.44 -21.51 11.72
C ASP A 87 0.63 -21.36 10.65
N LYS A 88 1.58 -22.30 10.62
CA LYS A 88 2.73 -22.26 9.74
C LYS A 88 2.30 -22.10 8.28
N ASP A 89 1.05 -22.44 7.98
CA ASP A 89 0.60 -22.47 6.60
C ASP A 89 -0.24 -21.24 6.24
N GLY A 90 -0.37 -20.30 7.18
CA GLY A 90 -1.18 -19.11 6.96
C GLY A 90 -2.67 -19.32 7.29
N ARG A 91 -3.01 -20.44 7.95
CA ARG A 91 -4.40 -20.77 8.27
C ARG A 91 -4.72 -20.40 9.72
N LEU A 92 -5.99 -20.05 9.99
CA LEU A 92 -6.43 -19.83 11.35
C LEU A 92 -6.18 -21.14 12.10
N LEU A 93 -5.65 -21.03 13.33
CA LEU A 93 -5.49 -22.17 14.23
C LEU A 93 -6.89 -22.68 14.58
N GLN A 94 -6.99 -24.00 14.83
CA GLN A 94 -8.22 -24.69 15.15
C GLN A 94 -8.90 -24.10 16.39
N GLU A 95 -8.12 -23.58 17.33
CA GLU A 95 -8.65 -22.94 18.52
C GLU A 95 -9.52 -21.75 18.12
N PHE A 96 -9.12 -21.04 17.06
CA PHE A 96 -9.72 -19.76 16.69
C PHE A 96 -11.24 -19.90 16.67
N ASN A 97 -11.90 -19.06 17.46
CA ASN A 97 -13.34 -19.11 17.62
C ASN A 97 -14.05 -18.66 16.34
N LYS A 98 -14.53 -19.63 15.55
CA LYS A 98 -15.12 -19.38 14.24
C LYS A 98 -16.53 -18.79 14.37
N ILE A 99 -17.08 -18.80 15.58
CA ILE A 99 -18.45 -18.33 15.79
C ILE A 99 -18.40 -16.86 16.21
N GLU A 100 -17.48 -16.55 17.13
CA GLU A 100 -17.25 -15.21 17.63
C GLU A 100 -15.79 -14.80 17.44
N PRO A 101 -15.36 -14.39 16.23
CA PRO A 101 -13.94 -14.21 15.93
C PRO A 101 -13.36 -13.07 16.75
N PRO A 102 -12.19 -13.29 17.37
CA PRO A 102 -11.45 -12.21 18.02
C PRO A 102 -10.78 -11.37 16.93
N LEU A 103 -10.18 -10.25 17.35
CA LEU A 103 -9.45 -9.38 16.45
C LEU A 103 -8.13 -10.06 16.09
N ILE A 104 -7.61 -9.76 14.91
CA ILE A 104 -6.28 -10.22 14.53
C ILE A 104 -5.43 -8.97 14.35
N PHE A 105 -4.25 -8.94 14.99
CA PHE A 105 -3.24 -7.92 14.78
C PHE A 105 -2.09 -8.53 14.01
N GLU A 106 -1.99 -8.17 12.73
CA GLU A 106 -0.86 -8.69 11.95
C GLU A 106 0.35 -7.82 12.27
N CYS A 107 1.50 -8.25 11.78
CA CYS A 107 2.69 -7.43 11.87
C CYS A 107 2.59 -6.17 11.02
N ASN A 108 3.39 -5.16 11.40
CA ASN A 108 3.31 -3.84 10.82
C ASN A 108 4.73 -3.27 10.63
N GLN A 109 4.81 -2.00 10.23
CA GLN A 109 6.06 -1.30 9.91
CA GLN A 109 6.16 -1.52 9.90
C GLN A 109 6.93 -1.07 11.14
N ALA A 110 6.31 -1.16 12.33
CA ALA A 110 7.06 -1.00 13.58
C ALA A 110 7.68 -2.32 14.06
N CYS A 111 7.20 -3.46 13.54
CA CYS A 111 7.73 -4.77 13.93
C CYS A 111 9.17 -4.89 13.45
N SER A 112 9.98 -5.65 14.20
CA SER A 112 11.39 -5.95 13.92
C SER A 112 11.59 -7.03 12.85
N CYS A 113 10.53 -7.79 12.53
CA CYS A 113 10.66 -8.99 11.73
C CYS A 113 10.85 -8.69 10.23
N TRP A 114 11.23 -9.74 9.51
CA TRP A 114 11.30 -9.71 8.05
C TRP A 114 9.92 -9.51 7.42
N ARG A 115 9.90 -8.82 6.26
CA ARG A 115 8.64 -8.55 5.58
C ARG A 115 7.87 -9.85 5.41
N ASN A 116 8.58 -10.90 5.03
CA ASN A 116 7.95 -12.19 4.73
C ASN A 116 7.75 -13.06 5.96
N CYS A 117 7.12 -12.54 7.03
CA CYS A 117 6.97 -13.35 8.22
C CYS A 117 5.60 -14.05 8.21
N LYS A 118 5.35 -14.94 9.17
CA LYS A 118 4.15 -15.76 9.10
C LYS A 118 2.94 -15.04 9.68
N ASN A 119 3.09 -13.80 10.14
CA ASN A 119 1.94 -13.09 10.66
C ASN A 119 1.53 -11.90 9.77
N ARG A 120 1.53 -12.09 8.44
CA ARG A 120 1.09 -11.04 7.53
CA ARG A 120 1.11 -11.04 7.52
C ARG A 120 0.24 -11.65 6.40
N VAL A 121 -0.67 -12.54 6.79
CA VAL A 121 -1.40 -13.35 5.82
C VAL A 121 -2.29 -12.45 4.96
N VAL A 122 -3.09 -11.58 5.62
CA VAL A 122 -4.05 -10.77 4.87
C VAL A 122 -3.32 -9.74 4.02
N GLN A 123 -2.26 -9.13 4.59
CA GLN A 123 -1.47 -8.19 3.81
C GLN A 123 -0.87 -8.80 2.54
N SER A 124 -0.66 -10.11 2.50
CA SER A 124 -0.12 -10.72 1.29
C SER A 124 -1.16 -10.83 0.17
N GLY A 125 -2.45 -10.71 0.50
CA GLY A 125 -3.52 -10.68 -0.50
C GLY A 125 -4.00 -12.03 -1.00
N ILE A 126 -4.72 -12.01 -2.12
CA ILE A 126 -5.54 -13.15 -2.51
C ILE A 126 -4.62 -14.21 -3.09
N LYS A 127 -4.77 -15.47 -2.64
CA LYS A 127 -3.98 -16.54 -3.19
C LYS A 127 -4.88 -17.57 -3.86
N VAL A 128 -6.16 -17.64 -3.47
CA VAL A 128 -6.95 -18.74 -4.00
C VAL A 128 -7.53 -18.32 -5.36
N ARG A 129 -7.81 -19.32 -6.22
CA ARG A 129 -8.46 -19.05 -7.49
C ARG A 129 -9.97 -18.85 -7.25
N LEU A 130 -10.47 -17.68 -7.65
CA LEU A 130 -11.89 -17.37 -7.54
C LEU A 130 -12.44 -17.09 -8.95
N GLN A 131 -13.76 -17.08 -9.05
CA GLN A 131 -14.45 -16.74 -10.28
C GLN A 131 -15.73 -15.99 -9.94
N LEU A 132 -15.93 -14.84 -10.61
CA LEU A 132 -17.19 -14.15 -10.66
C LEU A 132 -18.09 -14.87 -11.69
N TYR A 133 -19.29 -15.33 -11.27
CA TYR A 133 -20.14 -16.12 -12.16
C TYR A 133 -21.59 -15.69 -11.99
N ARG A 134 -22.42 -15.93 -13.03
CA ARG A 134 -23.83 -15.62 -12.91
C ARG A 134 -24.55 -16.78 -12.22
N THR A 135 -25.21 -16.51 -11.09
CA THR A 135 -25.98 -17.55 -10.43
C THR A 135 -27.39 -17.69 -11.03
N ALA A 136 -28.07 -18.77 -10.67
CA ALA A 136 -29.39 -19.06 -11.20
C ALA A 136 -30.42 -18.05 -10.69
N LYS A 137 -30.32 -17.65 -9.42
CA LYS A 137 -31.44 -16.99 -8.78
C LYS A 137 -31.01 -15.79 -7.93
N MET A 138 -29.69 -15.55 -7.81
CA MET A 138 -29.19 -14.51 -6.92
C MET A 138 -28.25 -13.56 -7.69
N GLY A 139 -28.43 -13.36 -8.99
CA GLY A 139 -27.53 -12.44 -9.68
C GLY A 139 -26.10 -12.96 -9.78
N TRP A 140 -25.13 -12.05 -9.66
CA TRP A 140 -23.72 -12.41 -9.65
C TRP A 140 -23.36 -13.04 -8.31
N GLY A 141 -22.42 -13.99 -8.36
CA GLY A 141 -21.90 -14.64 -7.17
C GLY A 141 -20.40 -14.94 -7.33
N VAL A 142 -19.78 -15.48 -6.28
CA VAL A 142 -18.36 -15.77 -6.41
C VAL A 142 -18.18 -17.23 -6.06
N ARG A 143 -17.40 -17.97 -6.86
CA ARG A 143 -17.13 -19.34 -6.48
C ARG A 143 -15.62 -19.62 -6.49
N ALA A 144 -15.26 -20.66 -5.73
CA ALA A 144 -13.93 -21.25 -5.65
C ALA A 144 -13.65 -22.06 -6.92
N LEU A 145 -12.48 -21.84 -7.53
CA LEU A 145 -12.07 -22.69 -8.62
C LEU A 145 -11.03 -23.71 -8.14
N GLN A 146 -10.96 -23.94 -6.83
CA GLN A 146 -10.02 -24.89 -6.26
C GLN A 146 -10.55 -25.33 -4.90
N THR A 147 -9.91 -26.35 -4.29
CA THR A 147 -10.25 -26.70 -2.92
C THR A 147 -9.62 -25.69 -1.97
N ILE A 148 -10.37 -25.35 -0.93
CA ILE A 148 -9.83 -24.40 0.02
C ILE A 148 -9.97 -25.00 1.41
N PRO A 149 -8.86 -25.37 2.05
CA PRO A 149 -8.92 -25.91 3.41
C PRO A 149 -9.54 -24.93 4.41
N GLN A 150 -10.25 -25.47 5.41
CA GLN A 150 -10.78 -24.68 6.49
C GLN A 150 -9.70 -23.72 7.00
N GLY A 151 -10.10 -22.48 7.28
CA GLY A 151 -9.27 -21.48 7.96
C GLY A 151 -8.30 -20.73 7.02
N THR A 152 -8.57 -20.79 5.71
CA THR A 152 -7.72 -20.15 4.73
C THR A 152 -8.26 -18.76 4.43
N PHE A 153 -7.35 -17.79 4.29
CA PHE A 153 -7.72 -16.45 3.87
C PHE A 153 -8.21 -16.47 2.41
N ILE A 154 -9.38 -15.84 2.18
CA ILE A 154 -9.98 -15.86 0.85
C ILE A 154 -9.75 -14.49 0.20
N CYS A 155 -10.31 -13.44 0.82
CA CYS A 155 -10.26 -12.10 0.25
C CYS A 155 -10.75 -11.14 1.31
N GLU A 156 -10.41 -9.86 1.13
CA GLU A 156 -10.80 -8.81 2.05
C GLU A 156 -12.09 -8.15 1.54
N TYR A 157 -12.98 -7.72 2.44
CA TYR A 157 -14.08 -6.86 2.04
C TYR A 157 -13.58 -5.42 1.86
N VAL A 158 -13.41 -5.01 0.59
CA VAL A 158 -12.81 -3.76 0.19
C VAL A 158 -13.88 -2.82 -0.37
N GLY A 159 -13.81 -1.56 0.03
CA GLY A 159 -14.72 -0.57 -0.55
C GLY A 159 -14.42 0.83 -0.04
N GLU A 160 -15.46 1.65 0.05
CA GLU A 160 -15.38 3.04 0.47
C GLU A 160 -15.75 3.09 1.94
N LEU A 161 -14.82 3.59 2.78
CA LEU A 161 -15.07 3.72 4.21
C LEU A 161 -16.00 4.91 4.43
N ILE A 162 -17.09 4.69 5.18
CA ILE A 162 -18.03 5.77 5.43
C ILE A 162 -18.53 5.64 6.86
N SER A 163 -19.14 6.70 7.41
CA SER A 163 -19.71 6.55 8.75
C SER A 163 -21.00 5.77 8.66
N ASP A 164 -21.39 5.17 9.79
CA ASP A 164 -22.66 4.49 9.89
C ASP A 164 -23.80 5.44 9.57
N ALA A 165 -23.66 6.73 9.92
CA ALA A 165 -24.71 7.71 9.64
C ALA A 165 -24.80 7.98 8.14
N GLU A 166 -23.67 7.94 7.44
CA GLU A 166 -23.72 8.14 6.00
C GLU A 166 -24.28 6.88 5.34
N ALA A 167 -24.10 5.72 5.97
CA ALA A 167 -24.59 4.48 5.37
C ALA A 167 -26.11 4.47 5.42
N ASP A 168 -26.65 4.97 6.53
CA ASP A 168 -28.09 5.02 6.74
C ASP A 168 -28.78 5.86 5.67
N VAL A 169 -28.07 6.74 4.95
CA VAL A 169 -28.76 7.56 3.98
C VAL A 169 -28.39 7.17 2.54
N ARG A 170 -27.53 6.15 2.36
CA ARG A 170 -27.18 5.72 1.03
C ARG A 170 -28.45 5.16 0.36
N GLU A 171 -28.64 5.51 -0.92
CA GLU A 171 -29.76 5.05 -1.74
C GLU A 171 -29.76 3.52 -1.82
N ASP A 172 -28.58 2.92 -1.99
CA ASP A 172 -28.47 1.49 -2.16
C ASP A 172 -27.68 0.97 -0.96
N ASP A 173 -28.29 0.08 -0.18
CA ASP A 173 -27.61 -0.45 0.98
C ASP A 173 -27.11 -1.87 0.70
N SER A 174 -27.08 -2.29 -0.55
CA SER A 174 -26.89 -3.72 -0.80
C SER A 174 -25.45 -4.16 -0.58
N TYR A 175 -24.52 -3.19 -0.55
CA TYR A 175 -23.10 -3.49 -0.60
C TYR A 175 -22.40 -2.99 0.67
N LEU A 176 -23.15 -2.84 1.77
CA LEU A 176 -22.57 -2.31 2.98
C LEU A 176 -22.03 -3.44 3.84
N PHE A 177 -20.98 -3.11 4.61
CA PHE A 177 -20.50 -4.03 5.62
C PHE A 177 -20.21 -3.20 6.88
N ASP A 178 -20.74 -3.67 8.01
CA ASP A 178 -20.61 -2.93 9.26
C ASP A 178 -19.32 -3.29 9.97
N LEU A 179 -18.60 -2.24 10.39
CA LEU A 179 -17.33 -2.39 11.08
C LEU A 179 -17.59 -2.33 12.59
N ASP A 180 -17.48 -3.50 13.24
CA ASP A 180 -17.80 -3.66 14.66
C ASP A 180 -16.70 -3.09 15.54
N ASN A 181 -17.12 -2.21 16.46
CA ASN A 181 -16.23 -1.56 17.42
C ASN A 181 -16.94 -1.41 18.78
N LYS A 182 -17.95 -0.53 18.82
CA LYS A 182 -18.67 -0.14 20.04
C LYS A 182 -17.77 -0.28 21.27
N GLU A 185 -19.37 5.77 18.18
CA GLU A 185 -19.59 5.97 16.72
C GLU A 185 -18.94 4.81 15.94
N VAL A 186 -19.63 4.36 14.87
CA VAL A 186 -19.15 3.22 14.09
C VAL A 186 -19.10 3.57 12.62
N TYR A 187 -18.39 2.71 11.86
CA TYR A 187 -18.16 2.94 10.45
C TYR A 187 -18.63 1.72 9.64
N CYS A 188 -18.68 1.90 8.32
CA CYS A 188 -19.03 0.84 7.39
C CYS A 188 -18.12 0.91 6.18
N ILE A 189 -18.01 -0.21 5.47
CA ILE A 189 -17.45 -0.18 4.14
C ILE A 189 -18.64 -0.21 3.19
N ASP A 190 -18.69 0.72 2.23
CA ASP A 190 -19.70 0.64 1.18
C ASP A 190 -19.03 0.23 -0.13
N ALA A 191 -19.36 -0.96 -0.66
CA ALA A 191 -18.68 -1.38 -1.88
C ALA A 191 -19.52 -1.08 -3.12
N ARG A 192 -20.55 -0.24 -2.98
CA ARG A 192 -21.44 0.00 -4.12
C ARG A 192 -20.72 0.60 -5.32
N TYR A 193 -19.97 1.70 -5.12
CA TYR A 193 -19.31 2.42 -6.21
C TYR A 193 -17.87 1.97 -6.42
N TYR A 194 -17.20 1.62 -5.33
CA TYR A 194 -15.80 1.21 -5.31
C TYR A 194 -15.74 -0.07 -4.49
N GLY A 195 -15.30 -1.19 -5.10
CA GLY A 195 -15.11 -2.37 -4.28
C GLY A 195 -14.27 -3.42 -4.99
N ASN A 196 -13.98 -4.54 -4.33
CA ASN A 196 -13.26 -5.64 -4.97
C ASN A 196 -14.19 -6.84 -5.12
N ILE A 197 -13.61 -8.04 -5.21
CA ILE A 197 -14.40 -9.20 -5.62
C ILE A 197 -15.45 -9.50 -4.55
N SER A 198 -15.19 -9.05 -3.33
CA SER A 198 -16.05 -9.34 -2.19
C SER A 198 -17.46 -8.77 -2.36
N ARG A 199 -17.58 -7.70 -3.15
CA ARG A 199 -18.86 -7.06 -3.36
C ARG A 199 -19.83 -8.04 -4.02
N PHE A 200 -19.30 -9.13 -4.62
CA PHE A 200 -20.20 -10.00 -5.34
C PHE A 200 -20.53 -11.28 -4.54
N ILE A 201 -20.11 -11.37 -3.27
CA ILE A 201 -20.37 -12.57 -2.48
C ILE A 201 -21.78 -12.53 -1.90
N ASN A 202 -22.54 -13.61 -2.15
CA ASN A 202 -23.93 -13.69 -1.73
C ASN A 202 -24.07 -14.15 -0.27
N HIS A 203 -25.29 -13.99 0.25
CA HIS A 203 -25.69 -14.55 1.53
C HIS A 203 -26.00 -16.04 1.37
N LEU A 204 -25.44 -16.86 2.26
CA LEU A 204 -25.83 -18.26 2.40
C LEU A 204 -26.21 -18.50 3.85
N CYS A 205 -27.36 -19.14 4.10
CA CYS A 205 -27.75 -19.53 5.46
C CYS A 205 -26.88 -20.68 5.96
N ASP A 206 -26.27 -21.41 5.01
CA ASP A 206 -25.27 -22.43 5.26
C ASP A 206 -23.89 -21.93 4.85
N PRO A 207 -23.36 -20.87 5.50
CA PRO A 207 -22.15 -20.16 5.07
C PRO A 207 -20.85 -20.97 5.13
N ASN A 208 -19.93 -20.69 4.21
CA ASN A 208 -18.65 -21.39 4.23
C ASN A 208 -17.49 -20.41 4.47
N ILE A 209 -17.77 -19.14 4.70
CA ILE A 209 -16.71 -18.18 5.00
C ILE A 209 -17.21 -17.29 6.14
N ILE A 210 -16.24 -16.77 6.90
CA ILE A 210 -16.54 -15.88 8.01
C ILE A 210 -15.68 -14.66 7.88
N PRO A 211 -16.25 -13.51 8.28
CA PRO A 211 -15.53 -12.25 8.37
C PRO A 211 -14.79 -12.12 9.70
N VAL A 212 -13.59 -11.54 9.62
CA VAL A 212 -12.73 -11.37 10.78
C VAL A 212 -12.13 -9.98 10.70
N ARG A 213 -12.16 -9.27 11.83
CA ARG A 213 -11.59 -7.93 11.86
C ARG A 213 -10.09 -8.04 12.03
N VAL A 214 -9.34 -7.31 11.19
CA VAL A 214 -7.89 -7.45 11.13
C VAL A 214 -7.27 -6.06 11.15
N PHE A 215 -6.11 -5.96 11.81
CA PHE A 215 -5.35 -4.73 11.84
C PHE A 215 -3.98 -5.01 11.27
N MET A 216 -3.53 -4.15 10.37
CA MET A 216 -2.27 -4.34 9.70
CA MET A 216 -2.27 -4.32 9.67
C MET A 216 -1.40 -3.08 9.90
N LEU A 217 -1.45 -2.13 8.97
CA LEU A 217 -0.57 -0.98 9.05
C LEU A 217 -0.95 0.02 10.14
N HIS A 218 -2.23 0.06 10.54
CA HIS A 218 -2.64 0.90 11.66
C HIS A 218 -3.45 0.05 12.64
N GLN A 219 -3.63 0.59 13.86
CA GLN A 219 -4.43 -0.10 14.86
C GLN A 219 -5.53 0.84 15.36
N ASP A 220 -6.14 1.63 14.46
CA ASP A 220 -7.31 2.43 14.82
C ASP A 220 -8.54 1.52 14.95
N LEU A 221 -8.98 1.23 16.19
CA LEU A 221 -9.94 0.14 16.41
C LEU A 221 -11.31 0.47 15.79
N ARG A 222 -11.50 1.71 15.34
CA ARG A 222 -12.74 2.09 14.67
C ARG A 222 -12.75 1.51 13.25
N PHE A 223 -11.57 1.18 12.71
CA PHE A 223 -11.44 0.89 11.29
C PHE A 223 -10.74 -0.44 11.11
N PRO A 224 -11.33 -1.54 11.63
CA PRO A 224 -10.83 -2.88 11.34
C PRO A 224 -10.95 -3.04 9.81
N ARG A 225 -10.11 -3.89 9.24
CA ARG A 225 -10.26 -4.32 7.86
C ARG A 225 -10.87 -5.70 7.94
N ILE A 226 -11.69 -6.05 6.93
CA ILE A 226 -12.51 -7.24 7.05
C ILE A 226 -11.95 -8.33 6.14
N ALA A 227 -11.53 -9.43 6.74
CA ALA A 227 -10.92 -10.53 6.01
C ALA A 227 -11.83 -11.75 6.11
N PHE A 228 -12.12 -12.35 4.96
CA PHE A 228 -12.89 -13.59 4.89
C PHE A 228 -11.95 -14.78 4.97
N PHE A 229 -12.25 -15.70 5.92
CA PHE A 229 -11.56 -16.97 6.01
C PHE A 229 -12.59 -18.08 5.83
N SER A 230 -12.17 -19.17 5.19
CA SER A 230 -13.04 -20.34 5.05
C SER A 230 -13.35 -20.91 6.43
N SER A 231 -14.58 -21.40 6.61
CA SER A 231 -15.00 -21.90 7.91
C SER A 231 -15.10 -23.43 7.89
N ARG A 232 -14.96 -23.98 6.68
CA ARG A 232 -14.87 -25.41 6.46
C ARG A 232 -14.00 -25.63 5.22
N ASP A 233 -13.64 -26.88 4.93
CA ASP A 233 -13.05 -27.23 3.65
C ASP A 233 -14.09 -26.92 2.57
N ILE A 234 -13.68 -26.11 1.59
CA ILE A 234 -14.54 -25.78 0.47
C ILE A 234 -14.03 -26.52 -0.78
N ARG A 235 -15.00 -27.06 -1.52
CA ARG A 235 -14.72 -27.82 -2.72
C ARG A 235 -14.71 -26.92 -3.97
N THR A 236 -13.95 -27.35 -4.98
CA THR A 236 -13.95 -26.69 -6.28
C THR A 236 -15.39 -26.52 -6.76
N GLY A 237 -15.71 -25.33 -7.23
CA GLY A 237 -17.03 -25.04 -7.79
C GLY A 237 -18.01 -24.48 -6.76
N GLU A 238 -17.72 -24.63 -5.47
CA GLU A 238 -18.69 -24.20 -4.47
C GLU A 238 -18.80 -22.68 -4.48
N GLU A 239 -20.04 -22.20 -4.44
CA GLU A 239 -20.32 -20.77 -4.27
C GLU A 239 -19.87 -20.35 -2.87
N LEU A 240 -19.14 -19.22 -2.79
CA LEU A 240 -18.76 -18.70 -1.49
C LEU A 240 -19.89 -17.84 -0.96
N GLY A 241 -20.06 -17.83 0.36
CA GLY A 241 -21.04 -16.96 0.97
C GLY A 241 -20.86 -16.95 2.48
N PHE A 242 -21.19 -15.80 3.05
CA PHE A 242 -21.18 -15.61 4.49
C PHE A 242 -22.62 -15.33 4.92
N ASP A 243 -22.89 -15.35 6.23
CA ASP A 243 -24.21 -15.05 6.76
C ASP A 243 -24.31 -13.53 6.92
N TYR A 244 -25.10 -12.88 6.07
CA TYR A 244 -25.15 -11.42 6.09
C TYR A 244 -25.67 -10.90 7.43
N GLY A 245 -26.51 -11.71 8.10
CA GLY A 245 -27.00 -11.37 9.42
C GLY A 245 -28.34 -10.63 9.39
N ASP A 246 -28.82 -10.35 10.60
CA ASP A 246 -30.20 -9.94 10.80
C ASP A 246 -30.40 -8.50 10.40
N ARG A 247 -29.38 -7.66 10.55
CA ARG A 247 -29.61 -6.28 10.15
C ARG A 247 -30.04 -6.22 8.68
N PHE A 248 -29.38 -7.05 7.86
CA PHE A 248 -29.74 -7.09 6.45
C PHE A 248 -31.14 -7.68 6.26
N TRP A 249 -31.39 -8.89 6.82
CA TRP A 249 -32.62 -9.59 6.46
C TRP A 249 -33.84 -8.90 7.08
N ASP A 250 -33.67 -8.25 8.24
CA ASP A 250 -34.76 -7.47 8.79
C ASP A 250 -35.20 -6.42 7.76
N ILE A 251 -34.27 -5.91 6.96
CA ILE A 251 -34.63 -4.88 5.99
C ILE A 251 -35.13 -5.52 4.69
N LYS A 252 -34.43 -6.56 4.20
CA LYS A 252 -34.54 -6.97 2.80
C LYS A 252 -35.64 -8.02 2.55
N SER A 253 -36.03 -8.74 3.61
CA SER A 253 -37.08 -9.76 3.60
C SER A 253 -38.36 -9.27 2.95
N LYS A 254 -38.68 -7.98 3.16
CA LYS A 254 -39.86 -7.39 2.58
C LYS A 254 -39.66 -7.05 1.10
N TYR A 255 -38.49 -7.33 0.52
CA TYR A 255 -38.28 -7.03 -0.90
C TYR A 255 -38.00 -8.29 -1.72
N PHE A 256 -37.38 -9.29 -1.08
CA PHE A 256 -37.05 -10.52 -1.78
C PHE A 256 -36.75 -11.56 -0.73
N THR A 257 -36.89 -12.83 -1.09
CA THR A 257 -36.58 -13.86 -0.12
C THR A 257 -35.28 -14.55 -0.51
N CYS A 258 -34.79 -15.35 0.44
CA CYS A 258 -33.49 -15.96 0.30
C CYS A 258 -33.56 -17.06 -0.77
N GLN A 259 -32.55 -17.08 -1.62
CA GLN A 259 -32.49 -18.06 -2.68
C GLN A 259 -31.31 -18.97 -2.42
N CYS A 260 -30.85 -19.03 -1.17
CA CYS A 260 -29.67 -19.82 -0.90
C CYS A 260 -29.94 -21.30 -1.21
N GLY A 261 -31.20 -21.73 -1.13
CA GLY A 261 -31.53 -23.12 -1.45
C GLY A 261 -31.19 -24.09 -0.32
N SER A 262 -30.60 -23.61 0.79
CA SER A 262 -30.28 -24.48 1.91
C SER A 262 -31.51 -25.21 2.46
N GLU A 263 -31.32 -26.42 3.00
CA GLU A 263 -32.42 -27.19 3.53
C GLU A 263 -32.97 -26.48 4.76
N LYS A 264 -32.09 -25.79 5.49
CA LYS A 264 -32.51 -25.16 6.73
C LYS A 264 -32.50 -23.66 6.56
N CYS A 265 -32.73 -23.20 5.32
CA CYS A 265 -32.69 -21.78 5.02
C CYS A 265 -33.60 -21.03 5.99
N LYS A 266 -33.07 -19.96 6.58
CA LYS A 266 -33.76 -19.28 7.66
C LYS A 266 -34.46 -18.05 7.13
N HIS A 267 -34.38 -17.78 5.80
CA HIS A 267 -34.88 -16.51 5.26
C HIS A 267 -35.68 -16.71 3.97
N SER A 268 -36.15 -17.95 3.76
CA SER A 268 -36.90 -18.31 2.56
C SER A 268 -38.34 -17.80 2.69
N ALA A 269 -39.07 -17.74 1.55
CA ALA A 269 -40.50 -17.52 1.58
C ALA A 269 -41.15 -18.43 2.62
N GLU A 270 -40.74 -19.71 2.66
CA GLU A 270 -41.24 -20.62 3.67
C GLU A 270 -40.89 -20.15 5.08
N ALA A 271 -39.61 -19.85 5.34
CA ALA A 271 -39.26 -19.54 6.72
C ALA A 271 -39.92 -18.23 7.15
N ILE A 272 -39.94 -17.24 6.24
CA ILE A 272 -40.58 -15.99 6.58
C ILE A 272 -42.04 -16.24 6.99
N ALA A 273 -42.72 -17.13 6.25
CA ALA A 273 -44.13 -17.37 6.46
C ALA A 273 -44.38 -17.89 7.88
N LEU A 274 -43.55 -18.85 8.33
CA LEU A 274 -43.70 -19.42 9.66
C LEU A 274 -43.54 -18.33 10.72
N GLU A 275 -42.47 -17.52 10.59
CA GLU A 275 -42.26 -16.39 11.47
C GLU A 275 -43.11 -15.21 10.98
N LYS B 10 34.14 -5.77 4.66
CA LYS B 10 33.42 -6.63 5.69
C LYS B 10 31.92 -6.32 5.72
N ILE B 11 31.09 -7.40 5.60
CA ILE B 11 29.64 -7.34 5.49
C ILE B 11 28.98 -7.26 6.87
N ILE B 12 28.41 -6.11 7.20
CA ILE B 12 27.86 -5.88 8.53
C ILE B 12 26.33 -6.09 8.56
N CYS B 13 25.73 -6.49 7.42
CA CYS B 13 24.29 -6.72 7.31
C CYS B 13 23.89 -7.08 5.88
N ARG B 14 23.21 -8.20 5.71
CA ARG B 14 22.91 -8.69 4.37
C ARG B 14 21.76 -7.88 3.75
N ASP B 15 20.91 -7.28 4.60
CA ASP B 15 19.78 -6.51 4.08
C ASP B 15 19.28 -5.52 5.14
N VAL B 16 19.64 -4.24 5.04
CA VAL B 16 19.12 -3.26 5.99
C VAL B 16 17.61 -3.07 5.88
N ALA B 17 17.01 -3.53 4.78
CA ALA B 17 15.59 -3.27 4.56
C ALA B 17 14.76 -4.43 5.11
N ARG B 18 15.45 -5.46 5.59
CA ARG B 18 14.81 -6.67 6.14
C ARG B 18 13.69 -7.17 5.21
N GLY B 19 13.97 -7.17 3.91
CA GLY B 19 13.05 -7.73 2.93
C GLY B 19 11.89 -6.82 2.53
N TYR B 20 11.88 -5.58 3.03
CA TYR B 20 10.79 -4.67 2.73
C TYR B 20 10.86 -4.09 1.31
N GLU B 21 12.02 -4.21 0.62
CA GLU B 21 12.13 -3.66 -0.73
C GLU B 21 12.10 -4.80 -1.73
N ASN B 22 12.07 -4.47 -3.02
CA ASN B 22 12.00 -5.46 -4.10
C ASN B 22 13.26 -6.32 -4.09
N VAL B 23 14.37 -5.72 -3.67
CA VAL B 23 15.67 -6.37 -3.60
C VAL B 23 16.31 -6.06 -2.25
N PRO B 24 17.28 -6.88 -1.83
CA PRO B 24 18.12 -6.64 -0.64
C PRO B 24 19.00 -5.40 -0.78
N ILE B 25 19.26 -4.71 0.32
CA ILE B 25 20.20 -3.60 0.34
C ILE B 25 21.23 -3.89 1.43
N PRO B 26 22.36 -4.54 1.09
CA PRO B 26 23.39 -4.87 2.07
C PRO B 26 24.11 -3.62 2.55
N CYS B 27 24.79 -3.77 3.69
CA CYS B 27 25.65 -2.73 4.23
C CYS B 27 27.03 -3.35 4.42
N VAL B 28 28.06 -2.65 3.94
CA VAL B 28 29.43 -3.04 4.21
C VAL B 28 30.18 -1.87 4.85
N ASN B 29 31.24 -2.21 5.57
CA ASN B 29 32.12 -1.22 6.13
C ASN B 29 33.56 -1.73 6.01
N GLY B 30 34.28 -1.24 5.00
CA GLY B 30 35.67 -1.61 4.90
C GLY B 30 36.59 -0.49 5.36
N VAL B 31 36.04 0.50 6.06
CA VAL B 31 36.77 1.73 6.32
C VAL B 31 37.07 1.83 7.80
N ASP B 32 36.11 1.43 8.64
CA ASP B 32 36.27 1.77 10.03
C ASP B 32 35.49 0.82 10.93
N GLY B 33 35.33 1.20 12.20
CA GLY B 33 34.82 0.30 13.21
C GLY B 33 33.32 0.41 13.43
N GLU B 34 32.66 1.30 12.68
CA GLU B 34 31.27 1.59 12.95
C GLU B 34 30.40 0.39 12.58
N PRO B 35 29.49 -0.06 13.47
CA PRO B 35 28.62 -1.18 13.12
C PRO B 35 27.50 -0.64 12.21
N CYS B 36 26.80 -1.58 11.56
CA CYS B 36 25.62 -1.33 10.73
C CYS B 36 24.66 -0.48 11.55
N PRO B 37 24.20 0.68 11.01
CA PRO B 37 23.43 1.59 11.84
C PRO B 37 22.11 0.94 12.27
N GLU B 38 21.67 1.21 13.51
CA GLU B 38 20.46 0.60 14.03
C GLU B 38 19.63 1.65 14.77
N ASP B 39 20.03 2.90 14.70
CA ASP B 39 19.39 3.94 15.49
C ASP B 39 18.16 4.51 14.76
N TYR B 40 17.53 3.72 13.91
CA TYR B 40 16.35 4.16 13.16
C TYR B 40 15.56 2.91 12.79
N LYS B 41 14.33 3.10 12.32
CA LYS B 41 13.54 1.95 11.93
C LYS B 41 13.38 2.04 10.41
N TYR B 42 13.75 0.97 9.69
CA TYR B 42 13.62 0.99 8.24
C TYR B 42 12.15 0.75 7.84
N ILE B 43 11.59 1.68 7.08
CA ILE B 43 10.24 1.58 6.56
C ILE B 43 10.31 1.88 5.08
N SER B 44 9.40 1.31 4.29
CA SER B 44 9.50 1.43 2.85
C SER B 44 8.52 2.46 2.31
N GLU B 45 7.59 2.92 3.15
CA GLU B 45 6.62 3.94 2.76
C GLU B 45 6.49 4.97 3.87
N ASN B 46 6.12 6.20 3.51
CA ASN B 46 6.06 7.28 4.47
C ASN B 46 5.09 6.91 5.58
N CYS B 47 5.39 7.40 6.78
CA CYS B 47 4.49 7.22 7.89
C CYS B 47 3.97 8.59 8.33
N GLU B 48 2.68 8.67 8.67
CA GLU B 48 2.08 9.94 9.06
C GLU B 48 1.99 9.96 10.57
N THR B 49 2.75 10.85 11.22
CA THR B 49 2.77 10.89 12.67
C THR B 49 2.32 12.25 13.19
N SER B 50 1.90 13.13 12.29
CA SER B 50 1.44 14.47 12.65
C SER B 50 -0.08 14.54 12.46
N THR B 51 -0.58 15.75 12.15
CA THR B 51 -2.00 16.05 12.30
C THR B 51 -2.66 16.43 10.96
N MET B 52 -1.89 16.48 9.87
CA MET B 52 -2.37 16.91 8.57
C MET B 52 -3.44 15.93 8.08
N ASN B 53 -4.40 16.47 7.32
CA ASN B 53 -5.37 15.69 6.58
C ASN B 53 -4.98 15.81 5.11
N ILE B 54 -4.49 14.71 4.54
CA ILE B 54 -4.28 14.62 3.11
C ILE B 54 -5.63 14.36 2.43
N ASP B 55 -5.89 15.07 1.33
CA ASP B 55 -7.08 14.85 0.53
C ASP B 55 -6.91 13.56 -0.27
N ARG B 56 -7.61 12.52 0.18
CA ARG B 56 -7.49 11.20 -0.41
C ARG B 56 -8.78 10.86 -1.15
N ASN B 57 -9.64 11.85 -1.34
CA ASN B 57 -10.98 11.63 -1.87
C ASN B 57 -10.88 11.03 -3.27
N ILE B 58 -11.35 9.79 -3.48
CA ILE B 58 -11.05 9.11 -4.73
C ILE B 58 -11.70 9.82 -5.92
N THR B 59 -12.81 10.51 -5.67
CA THR B 59 -13.54 11.17 -6.74
C THR B 59 -12.81 12.44 -7.19
N HIS B 60 -11.80 12.86 -6.41
CA HIS B 60 -10.99 14.03 -6.73
C HIS B 60 -9.88 13.65 -7.71
N LEU B 61 -9.56 12.36 -7.82
CA LEU B 61 -8.41 11.95 -8.61
C LEU B 61 -8.70 12.20 -10.09
N GLN B 62 -7.72 12.80 -10.77
CA GLN B 62 -7.64 12.72 -12.22
C GLN B 62 -7.10 11.35 -12.58
N HIS B 63 -7.66 10.74 -13.63
CA HIS B 63 -7.31 9.36 -13.94
C HIS B 63 -7.48 9.18 -15.45
N CYS B 64 -6.88 8.13 -15.98
CA CYS B 64 -6.93 7.86 -17.41
C CYS B 64 -7.95 6.77 -17.72
N THR B 65 -8.32 6.67 -19.02
CA THR B 65 -9.30 5.68 -19.45
C THR B 65 -8.64 4.60 -20.33
N CYS B 66 -7.31 4.61 -20.39
CA CYS B 66 -6.61 3.65 -21.23
C CYS B 66 -6.99 2.23 -20.90
N VAL B 67 -6.95 1.36 -21.90
CA VAL B 67 -7.06 -0.07 -21.67
C VAL B 67 -5.88 -0.76 -22.35
N ASP B 68 -4.86 0.01 -22.73
CA ASP B 68 -3.57 -0.54 -23.10
C ASP B 68 -2.63 -0.39 -21.89
N ASP B 69 -1.33 -0.22 -22.15
CA ASP B 69 -0.33 -0.24 -21.09
C ASP B 69 0.03 1.19 -20.72
N CYS B 70 -0.82 2.12 -21.14
CA CYS B 70 -0.62 3.52 -20.87
C CYS B 70 0.67 3.98 -21.57
N SER B 71 1.04 3.30 -22.65
CA SER B 71 2.26 3.73 -23.33
C SER B 71 1.97 4.76 -24.41
N SER B 72 0.69 5.06 -24.67
CA SER B 72 0.34 6.02 -25.71
C SER B 72 0.29 7.43 -25.13
N SER B 73 0.39 8.45 -26.01
CA SER B 73 0.46 9.84 -25.57
C SER B 73 -0.92 10.35 -25.17
N ASN B 74 -1.96 9.55 -25.44
CA ASN B 74 -3.31 9.92 -25.09
C ASN B 74 -3.60 9.61 -23.62
N CYS B 75 -2.68 8.88 -22.97
CA CYS B 75 -2.88 8.59 -21.55
C CYS B 75 -3.02 9.90 -20.80
N LEU B 76 -4.15 10.13 -20.15
CA LEU B 76 -4.35 11.44 -19.54
C LEU B 76 -3.32 11.67 -18.43
N CYS B 77 -3.06 10.63 -17.63
CA CYS B 77 -2.12 10.80 -16.53
C CYS B 77 -0.76 11.27 -17.07
N GLY B 78 -0.28 10.65 -18.16
CA GLY B 78 0.96 11.04 -18.82
C GLY B 78 0.99 12.54 -19.15
N GLN B 79 -0.15 13.05 -19.64
CA GLN B 79 -0.26 14.43 -20.09
C GLN B 79 -0.19 15.41 -18.93
N LEU B 80 -0.39 14.93 -17.68
CA LEU B 80 -0.40 15.81 -16.52
C LEU B 80 1.01 16.08 -15.99
N SER B 81 1.99 15.31 -16.47
CA SER B 81 3.35 15.49 -15.97
C SER B 81 3.79 16.94 -16.22
N ILE B 82 4.60 17.47 -15.30
CA ILE B 82 4.96 18.88 -15.36
C ILE B 82 6.47 19.05 -15.20
N ARG B 83 7.06 19.80 -16.15
CA ARG B 83 8.47 20.16 -16.19
C ARG B 83 9.37 18.94 -16.41
N CYS B 84 8.74 17.81 -16.74
CA CYS B 84 9.41 16.56 -17.07
C CYS B 84 8.47 15.73 -17.92
N TRP B 85 8.99 14.62 -18.47
CA TRP B 85 8.19 13.67 -19.23
C TRP B 85 9.00 12.39 -19.43
N TYR B 86 8.30 11.26 -19.65
CA TYR B 86 9.03 10.05 -20.02
C TYR B 86 9.31 10.02 -21.52
N ASP B 87 10.57 9.73 -21.87
CA ASP B 87 10.89 9.13 -23.16
C ASP B 87 10.60 7.63 -23.06
N LYS B 88 11.60 6.79 -22.72
CA LYS B 88 11.34 5.36 -22.68
C LYS B 88 11.30 4.87 -21.24
N ARG B 91 12.16 6.25 -18.97
CA ARG B 91 13.25 7.18 -18.55
C ARG B 91 12.78 8.62 -18.62
N LEU B 92 12.93 9.30 -17.50
CA LEU B 92 12.47 10.66 -17.34
C LEU B 92 13.48 11.66 -17.92
N LEU B 93 12.97 12.67 -18.65
CA LEU B 93 13.77 13.83 -18.99
C LEU B 93 13.17 15.03 -18.27
N GLN B 94 13.99 16.07 -17.99
CA GLN B 94 13.54 17.30 -17.34
C GLN B 94 13.54 18.47 -18.31
N GLU B 95 12.63 19.43 -18.08
CA GLU B 95 12.66 20.70 -18.81
C GLU B 95 13.86 21.54 -18.38
N PHE B 96 14.21 22.53 -19.22
CA PHE B 96 15.39 23.38 -19.02
C PHE B 96 15.09 24.52 -18.04
N ASN B 97 15.93 24.71 -17.01
CA ASN B 97 15.53 25.40 -15.78
C ASN B 97 14.42 24.60 -15.08
N GLU B 100 11.31 25.64 -10.12
CA GLU B 100 10.07 24.94 -9.68
C GLU B 100 10.19 23.47 -10.06
N PRO B 101 10.15 22.53 -9.08
CA PRO B 101 10.36 21.11 -9.37
C PRO B 101 9.37 20.45 -10.32
N PRO B 102 9.79 19.35 -10.99
CA PRO B 102 8.93 18.61 -11.93
C PRO B 102 7.94 17.68 -11.21
N LEU B 103 6.74 17.51 -11.80
CA LEU B 103 5.65 16.74 -11.20
C LEU B 103 5.35 15.54 -12.09
N ILE B 104 5.22 14.36 -11.48
CA ILE B 104 4.74 13.19 -12.20
C ILE B 104 3.43 12.73 -11.55
N PHE B 105 2.42 12.51 -12.41
CA PHE B 105 1.18 11.90 -11.97
C PHE B 105 1.18 10.44 -12.44
N GLU B 106 1.39 9.53 -11.51
CA GLU B 106 1.31 8.12 -11.86
C GLU B 106 -0.17 7.70 -11.90
N CYS B 107 -0.44 6.56 -12.54
CA CYS B 107 -1.79 5.99 -12.55
C CYS B 107 -2.18 5.49 -11.16
N ASN B 108 -3.49 5.37 -10.94
CA ASN B 108 -3.98 5.16 -9.59
C ASN B 108 -5.17 4.21 -9.66
N GLN B 109 -5.79 4.00 -8.48
CA GLN B 109 -6.95 3.14 -8.31
C GLN B 109 -8.16 3.58 -9.15
N ALA B 110 -8.25 4.86 -9.56
CA ALA B 110 -9.35 5.37 -10.39
C ALA B 110 -9.11 5.17 -11.89
N CYS B 111 -7.85 4.93 -12.31
CA CYS B 111 -7.57 4.69 -13.72
C CYS B 111 -8.18 3.35 -14.17
N SER B 112 -8.54 3.28 -15.47
CA SER B 112 -9.12 2.07 -16.04
C SER B 112 -8.04 1.07 -16.41
N CYS B 113 -6.76 1.48 -16.40
CA CYS B 113 -5.71 0.61 -16.92
C CYS B 113 -5.43 -0.55 -15.95
N TRP B 114 -4.60 -1.49 -16.39
CA TRP B 114 -4.14 -2.62 -15.59
C TRP B 114 -3.04 -2.22 -14.61
N ARG B 115 -2.88 -2.96 -13.50
CA ARG B 115 -1.92 -2.62 -12.47
C ARG B 115 -0.51 -2.51 -13.05
N ASN B 116 -0.23 -3.26 -14.09
CA ASN B 116 1.13 -3.27 -14.61
C ASN B 116 1.27 -2.36 -15.85
N CYS B 117 0.58 -1.23 -15.90
CA CYS B 117 0.80 -0.31 -16.99
C CYS B 117 2.18 0.34 -16.84
N LYS B 118 2.63 1.10 -17.84
CA LYS B 118 3.97 1.68 -17.83
C LYS B 118 4.04 2.94 -16.98
N ASN B 119 2.91 3.45 -16.49
CA ASN B 119 2.98 4.66 -15.72
C ASN B 119 2.88 4.35 -14.21
N ARG B 120 3.72 3.42 -13.73
CA ARG B 120 3.67 3.09 -12.32
C ARG B 120 5.08 2.83 -11.78
N VAL B 121 6.02 3.58 -12.34
CA VAL B 121 7.43 3.37 -12.04
C VAL B 121 7.72 3.48 -10.53
N VAL B 122 7.32 4.61 -9.93
CA VAL B 122 7.75 4.86 -8.57
C VAL B 122 6.97 3.94 -7.62
N GLN B 123 5.69 3.76 -7.90
CA GLN B 123 4.88 2.95 -6.99
C GLN B 123 5.35 1.50 -7.06
N SER B 124 5.98 1.08 -8.17
CA SER B 124 6.51 -0.27 -8.29
C SER B 124 7.81 -0.51 -7.49
N GLY B 125 8.47 0.53 -6.96
CA GLY B 125 9.59 0.30 -6.06
C GLY B 125 10.97 0.16 -6.69
N ILE B 126 11.95 -0.20 -5.85
CA ILE B 126 13.37 -0.16 -6.21
C ILE B 126 13.70 -1.30 -7.15
N LYS B 127 14.45 -1.00 -8.20
CA LYS B 127 14.87 -1.99 -9.17
C LYS B 127 16.39 -2.07 -9.28
N VAL B 128 17.11 -0.97 -9.00
CA VAL B 128 18.56 -0.97 -9.17
C VAL B 128 19.21 -1.59 -7.94
N ARG B 129 20.45 -2.03 -8.11
CA ARG B 129 21.25 -2.63 -7.05
C ARG B 129 21.99 -1.50 -6.32
N LEU B 130 21.67 -1.32 -5.02
CA LEU B 130 22.31 -0.33 -4.15
C LEU B 130 22.99 -1.04 -2.98
N GLN B 131 23.92 -0.32 -2.34
CA GLN B 131 24.57 -0.78 -1.12
C GLN B 131 24.79 0.43 -0.21
N LEU B 132 24.50 0.21 1.08
CA LEU B 132 24.89 1.15 2.12
C LEU B 132 26.34 0.80 2.48
N TYR B 133 27.22 1.81 2.46
CA TYR B 133 28.64 1.56 2.70
C TYR B 133 29.24 2.71 3.50
N ARG B 134 30.36 2.41 4.17
CA ARG B 134 31.04 3.43 4.95
C ARG B 134 31.96 4.18 4.00
N THR B 135 31.83 5.51 3.94
CA THR B 135 32.68 6.36 3.15
C THR B 135 33.87 6.80 4.00
N ALA B 136 34.81 7.48 3.35
CA ALA B 136 36.05 7.86 3.99
C ALA B 136 35.81 9.02 4.95
N LYS B 137 34.95 9.96 4.57
CA LYS B 137 34.87 11.20 5.33
C LYS B 137 33.43 11.65 5.57
N MET B 138 32.46 10.92 5.02
CA MET B 138 31.11 11.46 5.06
C MET B 138 30.20 10.45 5.75
N GLY B 139 30.75 9.64 6.66
CA GLY B 139 29.88 8.69 7.34
C GLY B 139 29.39 7.62 6.37
N TRP B 140 28.14 7.15 6.57
CA TRP B 140 27.52 6.19 5.67
C TRP B 140 27.11 6.95 4.42
N GLY B 141 27.15 6.24 3.29
CA GLY B 141 26.68 6.74 2.01
C GLY B 141 26.00 5.59 1.24
N VAL B 142 25.44 5.87 0.07
CA VAL B 142 24.83 4.82 -0.73
C VAL B 142 25.53 4.82 -2.09
N ARG B 143 25.86 3.62 -2.59
CA ARG B 143 26.46 3.57 -3.92
C ARG B 143 25.70 2.59 -4.83
N ALA B 144 25.88 2.79 -6.14
CA ALA B 144 25.27 1.96 -7.15
C ALA B 144 26.18 0.75 -7.35
N LEU B 145 25.60 -0.43 -7.49
CA LEU B 145 26.34 -1.66 -7.70
C LEU B 145 26.26 -2.12 -9.17
N GLN B 146 25.66 -1.30 -10.04
CA GLN B 146 25.51 -1.61 -11.46
C GLN B 146 25.51 -0.28 -12.22
N THR B 147 25.63 -0.33 -13.55
CA THR B 147 25.55 0.94 -14.29
C THR B 147 24.09 1.39 -14.30
N ILE B 148 23.86 2.69 -14.14
CA ILE B 148 22.47 3.13 -14.16
C ILE B 148 22.35 4.24 -15.20
N PRO B 149 21.54 4.05 -16.27
CA PRO B 149 21.39 5.08 -17.31
C PRO B 149 20.70 6.29 -16.73
N GLN B 150 21.01 7.47 -17.30
CA GLN B 150 20.28 8.70 -17.03
C GLN B 150 18.77 8.44 -17.08
N GLY B 151 18.04 9.09 -16.18
CA GLY B 151 16.58 9.11 -16.14
C GLY B 151 15.94 7.89 -15.46
N THR B 152 16.73 7.09 -14.72
CA THR B 152 16.23 5.85 -14.14
C THR B 152 15.81 6.11 -12.69
N PHE B 153 14.66 5.56 -12.28
CA PHE B 153 14.22 5.69 -10.90
C PHE B 153 15.15 4.93 -9.97
N ILE B 154 15.53 5.61 -8.87
CA ILE B 154 16.46 5.02 -7.90
C ILE B 154 15.68 4.53 -6.68
N CYS B 155 15.09 5.46 -5.92
CA CYS B 155 14.42 5.11 -4.67
C CYS B 155 13.65 6.35 -4.25
N GLU B 156 12.66 6.20 -3.39
CA GLU B 156 11.90 7.32 -2.86
C GLU B 156 12.53 7.84 -1.57
N TYR B 157 12.34 9.13 -1.25
CA TYR B 157 12.77 9.66 0.03
C TYR B 157 11.62 9.50 1.02
N VAL B 158 11.79 8.62 1.99
CA VAL B 158 10.70 8.12 2.82
C VAL B 158 10.99 8.47 4.28
N GLY B 159 9.95 8.84 5.03
CA GLY B 159 10.13 9.15 6.46
C GLY B 159 8.81 9.55 7.08
N GLU B 160 8.87 10.29 8.20
CA GLU B 160 7.66 10.80 8.86
C GLU B 160 7.26 12.12 8.20
N LEU B 161 5.99 12.27 7.85
CA LEU B 161 5.46 13.52 7.34
C LEU B 161 5.10 14.39 8.53
N ILE B 162 5.81 15.51 8.67
CA ILE B 162 5.60 16.39 9.81
C ILE B 162 5.40 17.82 9.31
N SER B 163 4.94 18.73 10.19
CA SER B 163 4.73 20.10 9.72
C SER B 163 6.05 20.85 9.76
N ASP B 164 6.03 22.07 9.22
CA ASP B 164 7.17 22.98 9.26
C ASP B 164 7.54 23.29 10.70
N ALA B 165 6.53 23.60 11.53
CA ALA B 165 6.78 23.91 12.93
C ALA B 165 7.52 22.76 13.61
N GLU B 166 7.09 21.51 13.38
CA GLU B 166 7.71 20.38 14.05
C GLU B 166 9.14 20.18 13.57
N ALA B 167 9.40 20.47 12.29
CA ALA B 167 10.71 20.19 11.73
C ALA B 167 11.74 21.14 12.36
N ASP B 168 11.30 22.40 12.57
CA ASP B 168 12.10 23.44 13.18
C ASP B 168 12.52 23.12 14.61
N VAL B 169 11.83 22.20 15.31
CA VAL B 169 12.21 21.91 16.68
C VAL B 169 12.78 20.51 16.85
N ARG B 170 12.76 19.69 15.79
CA ARG B 170 13.39 18.38 15.88
C ARG B 170 14.81 18.62 16.35
N GLU B 171 15.32 17.79 17.25
CA GLU B 171 16.66 18.05 17.75
C GLU B 171 17.71 17.84 16.66
N ASP B 172 17.53 16.81 15.81
CA ASP B 172 18.46 16.58 14.69
C ASP B 172 17.80 17.00 13.38
N ASP B 173 18.44 17.90 12.64
CA ASP B 173 17.87 18.37 11.39
C ASP B 173 18.50 17.66 10.19
N SER B 174 19.33 16.64 10.44
CA SER B 174 20.20 16.07 9.43
C SER B 174 19.42 15.27 8.39
N TYR B 175 18.19 14.86 8.71
CA TYR B 175 17.46 13.91 7.87
C TYR B 175 16.15 14.47 7.31
N LEU B 176 16.02 15.80 7.29
CA LEU B 176 14.82 16.48 6.84
C LEU B 176 14.86 16.64 5.32
N PHE B 177 13.69 16.54 4.69
CA PHE B 177 13.50 16.93 3.30
C PHE B 177 12.22 17.76 3.21
N ASP B 178 12.34 18.97 2.63
CA ASP B 178 11.24 19.94 2.65
C ASP B 178 10.24 19.67 1.53
N LEU B 179 8.94 19.73 1.83
CA LEU B 179 7.92 19.88 0.79
C LEU B 179 7.38 21.31 0.78
N ASP B 180 7.94 22.12 -0.13
CA ASP B 180 7.76 23.56 -0.07
C ASP B 180 7.07 24.08 -1.34
N ASN B 181 5.91 24.72 -1.15
CA ASN B 181 5.21 25.45 -2.20
C ASN B 181 5.53 26.96 -2.11
N LYS B 182 4.93 27.65 -1.13
CA LYS B 182 5.09 29.09 -0.94
C LYS B 182 3.89 29.67 -0.19
N GLU B 185 3.18 27.91 3.60
CA GLU B 185 2.70 26.59 4.08
C GLU B 185 3.66 25.51 3.58
N VAL B 186 4.34 24.83 4.51
CA VAL B 186 5.28 23.82 4.07
C VAL B 186 5.24 22.63 5.03
N TYR B 187 5.56 21.46 4.47
CA TYR B 187 5.58 20.20 5.19
C TYR B 187 6.96 19.58 5.02
N CYS B 188 7.30 18.57 5.81
CA CYS B 188 8.66 18.03 5.77
C CYS B 188 8.60 16.51 5.87
N ILE B 189 9.58 15.84 5.27
CA ILE B 189 9.76 14.44 5.53
C ILE B 189 10.97 14.27 6.43
N ASP B 190 10.76 13.72 7.63
CA ASP B 190 11.88 13.56 8.54
C ASP B 190 12.25 12.08 8.56
N ALA B 191 13.47 11.75 8.09
CA ALA B 191 13.87 10.34 8.00
C ALA B 191 14.77 9.94 9.18
N ARG B 192 14.82 10.76 10.23
CA ARG B 192 15.72 10.49 11.33
C ARG B 192 15.39 9.19 12.07
N TYR B 193 14.13 9.06 12.50
CA TYR B 193 13.68 7.96 13.35
C TYR B 193 13.15 6.82 12.49
N TYR B 194 12.52 7.17 11.36
CA TYR B 194 11.93 6.20 10.47
C TYR B 194 12.29 6.62 9.03
N GLY B 195 12.91 5.70 8.27
CA GLY B 195 13.33 6.08 6.93
C GLY B 195 13.72 4.85 6.13
N ASN B 196 14.01 5.05 4.83
CA ASN B 196 14.48 3.95 3.98
C ASN B 196 15.93 4.24 3.62
N ILE B 197 16.45 3.59 2.57
CA ILE B 197 17.85 3.73 2.16
C ILE B 197 18.18 5.20 1.85
N SER B 198 17.19 5.99 1.46
CA SER B 198 17.49 7.36 1.04
C SER B 198 18.07 8.21 2.18
N ARG B 199 17.83 7.82 3.43
CA ARG B 199 18.28 8.63 4.56
C ARG B 199 19.81 8.65 4.61
N PHE B 200 20.44 7.71 3.91
CA PHE B 200 21.89 7.59 3.94
C PHE B 200 22.53 8.27 2.74
N ILE B 201 21.76 8.87 1.85
CA ILE B 201 22.39 9.47 0.69
C ILE B 201 23.02 10.82 1.04
N ASN B 202 24.30 10.96 0.73
CA ASN B 202 25.02 12.21 1.04
C ASN B 202 24.77 13.34 0.05
N HIS B 203 25.22 14.55 0.44
CA HIS B 203 25.27 15.69 -0.45
C HIS B 203 26.47 15.54 -1.38
N LEU B 204 26.25 15.72 -2.69
CA LEU B 204 27.38 15.88 -3.58
C LEU B 204 27.23 17.22 -4.29
N CYS B 205 28.32 17.97 -4.40
CA CYS B 205 28.26 19.22 -5.14
C CYS B 205 28.19 18.90 -6.64
N ASP B 206 28.63 17.68 -7.00
CA ASP B 206 28.55 17.07 -8.32
C ASP B 206 27.46 15.99 -8.34
N PRO B 207 26.16 16.35 -8.23
CA PRO B 207 25.10 15.36 -7.96
C PRO B 207 24.83 14.46 -9.15
N ASN B 208 24.28 13.26 -8.91
CA ASN B 208 24.01 12.34 -10.00
C ASN B 208 22.56 11.85 -9.93
N ILE B 209 21.82 12.40 -8.96
CA ILE B 209 20.40 12.10 -8.83
C ILE B 209 19.70 13.39 -8.48
N ILE B 210 18.42 13.49 -8.85
CA ILE B 210 17.62 14.67 -8.61
C ILE B 210 16.27 14.22 -8.06
N PRO B 211 15.69 15.00 -7.13
CA PRO B 211 14.34 14.72 -6.62
C PRO B 211 13.22 15.18 -7.54
N VAL B 212 12.19 14.34 -7.65
CA VAL B 212 11.04 14.61 -8.49
C VAL B 212 9.81 14.41 -7.61
N ARG B 213 8.82 15.31 -7.72
CA ARG B 213 7.60 15.22 -6.94
C ARG B 213 6.64 14.29 -7.66
N VAL B 214 6.12 13.28 -6.95
CA VAL B 214 5.31 12.26 -7.63
C VAL B 214 3.99 12.10 -6.87
N PHE B 215 2.91 11.83 -7.62
CA PHE B 215 1.61 11.55 -7.02
C PHE B 215 1.15 10.17 -7.45
N MET B 216 0.67 9.38 -6.50
CA MET B 216 0.23 8.04 -6.80
CA MET B 216 0.22 8.03 -6.79
C MET B 216 -1.21 7.85 -6.28
N LEU B 217 -1.37 7.38 -5.04
CA LEU B 217 -2.69 7.07 -4.51
C LEU B 217 -3.51 8.35 -4.28
N HIS B 218 -2.86 9.48 -4.00
CA HIS B 218 -3.62 10.72 -3.90
C HIS B 218 -2.96 11.80 -4.76
N GLN B 219 -3.69 12.91 -4.99
CA GLN B 219 -3.13 13.99 -5.79
C GLN B 219 -3.20 15.28 -4.98
N ASP B 220 -2.94 15.19 -3.68
CA ASP B 220 -2.86 16.35 -2.82
C ASP B 220 -1.53 17.08 -3.04
N LEU B 221 -1.61 18.25 -3.68
CA LEU B 221 -0.40 18.89 -4.16
C LEU B 221 0.50 19.33 -3.00
N ARG B 222 -0.06 19.39 -1.78
CA ARG B 222 0.73 19.79 -0.64
C ARG B 222 1.61 18.64 -0.18
N PHE B 223 1.28 17.41 -0.57
CA PHE B 223 1.98 16.26 -0.06
C PHE B 223 2.51 15.39 -1.20
N PRO B 224 3.46 15.91 -2.01
CA PRO B 224 4.12 15.10 -3.04
C PRO B 224 4.95 14.02 -2.34
N ARG B 225 5.10 12.87 -3.00
CA ARG B 225 6.14 11.93 -2.61
C ARG B 225 7.37 12.30 -3.44
N ILE B 226 8.57 12.04 -2.86
CA ILE B 226 9.80 12.48 -3.47
C ILE B 226 10.51 11.25 -4.05
N ALA B 227 10.76 11.27 -5.36
CA ALA B 227 11.40 10.13 -6.01
C ALA B 227 12.73 10.57 -6.60
N PHE B 228 13.79 9.80 -6.36
CA PHE B 228 15.08 10.15 -6.92
C PHE B 228 15.27 9.45 -8.27
N PHE B 229 15.67 10.26 -9.27
CA PHE B 229 15.99 9.75 -10.60
C PHE B 229 17.45 10.12 -10.94
N SER B 230 18.15 9.25 -11.67
CA SER B 230 19.50 9.63 -12.06
C SER B 230 19.46 10.79 -13.03
N SER B 231 20.45 11.69 -12.91
CA SER B 231 20.51 12.91 -13.71
C SER B 231 21.52 12.77 -14.84
N ARG B 232 22.26 11.67 -14.80
CA ARG B 232 23.27 11.31 -15.78
C ARG B 232 23.47 9.81 -15.69
N ASP B 233 24.20 9.20 -16.63
CA ASP B 233 24.58 7.80 -16.51
C ASP B 233 25.51 7.66 -15.30
N ILE B 234 25.27 6.63 -14.48
CA ILE B 234 26.03 6.39 -13.26
C ILE B 234 26.83 5.11 -13.44
N ARG B 235 28.10 5.12 -13.03
CA ARG B 235 28.95 3.96 -13.24
C ARG B 235 28.90 2.99 -12.04
N THR B 236 29.22 1.74 -12.29
CA THR B 236 29.25 0.80 -11.17
C THR B 236 30.19 1.32 -10.09
N GLY B 237 29.74 1.28 -8.84
CA GLY B 237 30.57 1.65 -7.70
C GLY B 237 30.39 3.11 -7.26
N GLU B 238 29.71 3.94 -8.07
CA GLU B 238 29.70 5.36 -7.79
C GLU B 238 28.79 5.67 -6.62
N GLU B 239 29.23 6.61 -5.78
CA GLU B 239 28.33 7.07 -4.72
C GLU B 239 27.18 7.88 -5.33
N LEU B 240 25.98 7.64 -4.82
CA LEU B 240 24.85 8.47 -5.16
C LEU B 240 24.83 9.72 -4.30
N GLY B 241 24.38 10.83 -4.88
CA GLY B 241 24.28 12.04 -4.11
C GLY B 241 23.39 13.07 -4.82
N PHE B 242 22.67 13.84 -4.00
CA PHE B 242 21.89 14.94 -4.55
C PHE B 242 22.35 16.27 -3.93
N ASP B 243 21.94 17.37 -4.55
CA ASP B 243 22.30 18.69 -4.07
C ASP B 243 21.32 19.02 -2.94
N TYR B 244 21.82 19.03 -1.70
CA TYR B 244 20.95 19.26 -0.57
C TYR B 244 20.39 20.69 -0.61
N GLY B 245 21.15 21.60 -1.23
CA GLY B 245 20.72 22.97 -1.47
C GLY B 245 21.28 23.97 -0.46
N ASP B 246 21.00 25.26 -0.71
CA ASP B 246 21.61 26.34 0.06
C ASP B 246 21.04 26.38 1.48
N ARG B 247 19.77 26.01 1.66
CA ARG B 247 19.19 26.09 2.99
C ARG B 247 20.01 25.23 3.96
N PHE B 248 20.24 23.96 3.58
CA PHE B 248 21.04 23.07 4.41
C PHE B 248 22.42 23.68 4.70
N TRP B 249 23.12 24.05 3.64
CA TRP B 249 24.50 24.49 3.79
C TRP B 249 24.60 25.82 4.56
N ASP B 250 23.61 26.70 4.39
CA ASP B 250 23.68 27.97 5.11
C ASP B 250 23.62 27.68 6.61
N ILE B 251 22.93 26.60 7.00
CA ILE B 251 22.80 26.23 8.41
C ILE B 251 24.07 25.50 8.85
N LYS B 252 24.45 24.48 8.07
CA LYS B 252 25.43 23.52 8.54
C LYS B 252 26.85 24.05 8.40
N SER B 253 27.08 24.90 7.40
CA SER B 253 28.43 25.40 7.17
C SER B 253 28.98 26.14 8.38
N LYS B 254 28.10 26.53 9.32
CA LYS B 254 28.60 27.21 10.50
C LYS B 254 29.16 26.22 11.51
N TYR B 255 29.02 24.91 11.21
CA TYR B 255 29.54 23.86 12.08
C TYR B 255 30.52 22.96 11.33
N PHE B 256 30.28 22.71 10.05
CA PHE B 256 31.18 21.81 9.33
C PHE B 256 31.04 22.15 7.86
N THR B 257 32.04 21.77 7.05
CA THR B 257 32.06 22.10 5.64
C THR B 257 32.05 20.83 4.78
N CYS B 258 31.80 21.02 3.49
CA CYS B 258 31.54 19.92 2.58
C CYS B 258 32.81 19.10 2.37
N GLN B 259 32.70 17.77 2.47
CA GLN B 259 33.83 16.90 2.19
C GLN B 259 33.54 15.99 1.00
N CYS B 260 32.75 16.51 0.04
CA CYS B 260 32.39 15.70 -1.11
C CYS B 260 33.66 15.37 -1.91
N GLY B 261 34.62 16.28 -1.85
CA GLY B 261 35.94 16.06 -2.44
C GLY B 261 35.97 16.35 -3.94
N SER B 262 34.90 16.92 -4.46
CA SER B 262 34.86 17.28 -5.87
C SER B 262 35.82 18.42 -6.16
N GLU B 263 36.53 18.31 -7.29
CA GLU B 263 37.31 19.42 -7.82
C GLU B 263 36.41 20.64 -8.02
N LYS B 264 35.08 20.46 -8.03
CA LYS B 264 34.18 21.59 -8.27
C LYS B 264 33.38 21.95 -7.01
N CYS B 265 33.77 21.42 -5.84
CA CYS B 265 33.00 21.58 -4.62
C CYS B 265 32.67 23.06 -4.38
N LYS B 266 31.40 23.34 -4.03
CA LYS B 266 30.93 24.68 -3.75
C LYS B 266 30.75 24.94 -2.25
N HIS B 267 31.00 23.95 -1.38
CA HIS B 267 30.68 24.15 0.04
C HIS B 267 31.83 23.77 0.98
N SER B 268 33.02 23.46 0.43
CA SER B 268 34.18 23.26 1.30
C SER B 268 34.57 24.57 1.99
N ALA B 269 35.39 24.47 3.04
CA ALA B 269 35.89 25.67 3.72
C ALA B 269 36.60 26.55 2.68
N GLU B 270 37.31 25.93 1.73
CA GLU B 270 38.07 26.67 0.73
C GLU B 270 37.11 27.44 -0.17
N ALA B 271 36.01 26.80 -0.58
CA ALA B 271 35.13 27.39 -1.59
C ALA B 271 34.35 28.55 -1.01
N ILE B 272 34.09 28.48 0.30
CA ILE B 272 33.22 29.42 0.98
C ILE B 272 34.03 30.64 1.37
N ALA B 273 35.34 30.44 1.59
CA ALA B 273 36.23 31.53 1.93
C ALA B 273 36.40 32.45 0.72
N LEU B 274 36.49 31.85 -0.49
CA LEU B 274 36.78 32.53 -1.74
C LEU B 274 35.52 33.20 -2.30
#